data_8SGU
#
_entry.id   8SGU
#
_cell.length_a   80.552
_cell.length_b   80.552
_cell.length_c   161.760
_cell.angle_alpha   90.00
_cell.angle_beta   90.00
_cell.angle_gamma   90.00
#
_symmetry.space_group_name_H-M   'P 43 21 2'
#
loop_
_entity.id
_entity.type
_entity.pdbx_description
1 polymer 'Spike protein S1'
2 branched 2-acetamido-2-deoxy-beta-D-glucopyranose-(1-4)-[alpha-L-fucopyranose-(1-6)]2-acetamido-2-deoxy-beta-D-glucopyranose
3 non-polymer 2-acetamido-2-deoxy-beta-D-glucopyranose
4 non-polymer alpha-L-fucopyranose
5 non-polymer GLYCEROL
6 water water
#
_entity_poly.entity_id   1
_entity_poly.type   'polypeptide(L)'
_entity_poly.pdbx_seq_one_letter_code
;NITNLCPFGEVFNATRFASVYAWNRKRISNCVADYSVLYNSASFSTFKCYGVSPTKLNDLCFTNVYADSFVIRGDEVRQI
APGQTGKIADYNYKLPDDFTGCVIAWNSNNLDSKVGGNYNYLYRLFRKSNLKPFERDISTEIYQAGSTPCNGVEGFNCYF
PLQSYGFQPTNGVGYQPYRVVVLSFELLHAPATVCGPGSHHHHHH
;
_entity_poly.pdbx_strand_id   A
#
loop_
_chem_comp.id
_chem_comp.type
_chem_comp.name
_chem_comp.formula
FUC L-saccharide, alpha linking alpha-L-fucopyranose 'C6 H12 O5'
GOL non-polymer GLYCEROL 'C3 H8 O3'
NAG D-saccharide, beta linking 2-acetamido-2-deoxy-beta-D-glucopyranose 'C8 H15 N O6'
#
# COMPACT_ATOMS: atom_id res chain seq x y z
N THR A 3 11.85 -1.34 24.88
N THR A 3 12.06 -1.88 26.09
CA THR A 3 11.78 -2.68 25.46
CA THR A 3 12.18 -1.76 24.61
C THR A 3 10.62 -3.48 24.82
C THR A 3 11.02 -2.49 23.95
N ASN A 4 9.93 -2.85 23.89
N ASN A 4 9.88 -1.83 23.80
CA ASN A 4 8.76 -3.42 23.25
CA ASN A 4 8.68 -2.46 23.18
C ASN A 4 8.90 -3.35 21.74
C ASN A 4 9.00 -2.78 21.72
N LEU A 5 8.60 -4.46 21.06
N LEU A 5 8.54 -3.93 21.23
CA LEU A 5 8.70 -4.51 19.62
CA LEU A 5 8.75 -4.30 19.81
C LEU A 5 7.57 -3.68 19.01
C LEU A 5 7.67 -3.61 18.97
N CYS A 6 7.83 -3.10 17.84
N CYS A 6 8.04 -3.15 17.77
CA CYS A 6 6.80 -2.33 17.16
CA CYS A 6 7.09 -2.47 16.92
C CYS A 6 5.65 -3.25 16.76
C CYS A 6 5.91 -3.38 16.66
N PRO A 7 4.44 -2.73 16.64
N PRO A 7 4.68 -2.88 16.79
CA PRO A 7 3.25 -3.57 16.40
CA PRO A 7 3.48 -3.69 16.56
C PRO A 7 3.10 -4.00 14.94
C PRO A 7 3.16 -3.89 15.07
N PHE A 8 4.08 -4.75 14.44
N PHE A 8 4.16 -4.38 14.32
CA PHE A 8 3.95 -5.25 13.07
CA PHE A 8 3.91 -4.69 12.91
C PHE A 8 2.75 -6.18 12.93
C PHE A 8 2.84 -5.77 12.80
N GLY A 9 2.28 -6.76 14.03
N GLY A 9 2.83 -6.72 13.74
CA GLY A 9 1.13 -7.66 13.97
CA GLY A 9 1.91 -7.85 13.66
C GLY A 9 -0.17 -6.95 13.62
C GLY A 9 0.47 -7.38 13.52
N GLU A 10 -0.40 -5.77 14.21
N GLU A 10 0.11 -6.32 14.23
CA GLU A 10 -1.58 -4.98 13.84
CA GLU A 10 -1.24 -5.77 14.11
C GLU A 10 -1.67 -4.72 12.35
C GLU A 10 -1.51 -5.30 12.69
N VAL A 11 -0.54 -4.76 11.65
N VAL A 11 -0.54 -4.64 12.06
CA VAL A 11 -0.50 -4.36 10.23
CA VAL A 11 -0.74 -4.15 10.69
C VAL A 11 -0.64 -5.59 9.36
C VAL A 11 -0.78 -5.31 9.71
N PHE A 12 0.31 -6.52 9.48
N PHE A 12 0.24 -6.17 9.75
CA PHE A 12 0.44 -7.61 8.52
CA PHE A 12 0.35 -7.26 8.78
C PHE A 12 -0.61 -8.69 8.73
C PHE A 12 -0.77 -8.27 8.98
N ASN A 13 -1.03 -8.92 9.98
N ASN A 13 -1.06 -8.63 10.23
CA ASN A 13 -1.97 -9.98 10.31
CA ASN A 13 -2.08 -9.63 10.55
C ASN A 13 -3.39 -9.46 10.52
C ASN A 13 -3.43 -8.98 10.88
N ALA A 14 -3.63 -8.17 10.25
N ALA A 14 -3.74 -7.87 10.25
CA ALA A 14 -4.95 -7.62 10.50
CA ALA A 14 -5.08 -7.30 10.40
C ALA A 14 -6.03 -8.36 9.73
C ALA A 14 -6.10 -8.13 9.61
N THR A 15 -7.24 -8.39 10.30
N THR A 15 -7.25 -8.38 10.21
CA THR A 15 -8.33 -9.19 9.76
CA THR A 15 -8.29 -9.16 9.55
C THR A 15 -8.72 -8.71 8.37
C THR A 15 -9.04 -8.33 8.51
N ARG A 16 -9.19 -7.46 8.28
N ARG A 16 -9.14 -7.01 8.70
CA ARG A 16 -9.54 -6.75 7.07
CA ARG A 16 -9.77 -6.09 7.75
C ARG A 16 -8.40 -5.83 6.63
C ARG A 16 -8.71 -5.18 7.13
N PHE A 17 -8.40 -5.50 5.32
N PHE A 17 -8.51 -5.31 5.82
CA PHE A 17 -7.48 -4.55 4.73
CA PHE A 17 -7.68 -4.42 5.02
C PHE A 17 -8.27 -3.53 3.93
C PHE A 17 -8.56 -3.40 4.29
N ALA A 18 -7.71 -2.32 3.82
N ALA A 18 -7.95 -2.29 3.88
CA ALA A 18 -8.37 -1.24 3.07
CA ALA A 18 -8.69 -1.19 3.27
C ALA A 18 -8.33 -1.49 1.56
C ALA A 18 -8.79 -1.33 1.74
N SER A 19 -9.31 -0.91 0.86
N SER A 19 -9.81 -0.68 1.17
CA SER A 19 -9.24 -0.77 -0.58
CA SER A 19 -9.76 -0.38 -0.25
C SER A 19 -8.09 0.16 -0.94
C SER A 19 -8.60 0.56 -0.52
N VAL A 20 -7.52 -0.02 -2.14
N VAL A 20 -7.91 0.34 -1.65
CA VAL A 20 -6.35 0.79 -2.48
CA VAL A 20 -6.66 1.04 -1.92
C VAL A 20 -6.71 2.27 -2.56
C VAL A 20 -6.89 2.54 -2.12
N TYR A 21 -7.98 2.61 -2.88
N TYR A 21 -7.92 2.93 -2.89
CA TYR A 21 -8.31 4.03 -2.91
CA TYR A 21 -8.13 4.38 -3.11
C TYR A 21 -8.39 4.61 -1.49
C TYR A 21 -8.28 5.11 -1.79
N ALA A 22 -8.77 3.79 -0.51
N ALA A 22 -8.73 4.39 -0.76
CA ALA A 22 -8.86 4.24 0.86
CA ALA A 22 -8.94 4.92 0.58
C ALA A 22 -7.76 3.64 1.72
C ALA A 22 -7.95 4.27 1.55
N TRP A 23 -6.54 3.60 1.18
N TRP A 23 -6.69 4.15 1.13
CA TRP A 23 -5.45 2.89 1.82
CA TRP A 23 -5.71 3.35 1.83
C TRP A 23 -5.20 3.38 3.24
C TRP A 23 -5.56 3.75 3.29
N ASN A 24 -4.99 2.44 4.16
N ASN A 24 -5.11 2.79 4.09
CA ASN A 24 -4.84 2.85 5.56
CA ASN A 24 -4.98 2.94 5.54
C ASN A 24 -3.41 3.33 5.81
C ASN A 24 -3.52 3.15 5.93
N ARG A 25 -3.24 4.12 6.88
N ARG A 25 -3.28 4.14 6.79
CA ARG A 25 -1.92 4.46 7.38
CA ARG A 25 -1.91 4.42 7.25
C ARG A 25 -1.87 4.13 8.87
C ARG A 25 -1.82 4.30 8.77
N LYS A 26 -0.78 3.48 9.29
N LYS A 26 -0.82 3.56 9.27
CA LYS A 26 -0.49 3.29 10.70
CA LYS A 26 -0.61 3.48 10.73
C LYS A 26 0.85 3.95 11.02
C LYS A 26 0.75 4.10 11.03
N ARG A 27 0.86 4.78 12.06
N ARG A 27 0.81 5.04 11.97
CA ARG A 27 2.09 5.38 12.55
CA ARG A 27 2.11 5.64 12.36
C ARG A 27 2.76 4.43 13.52
C ARG A 27 2.81 4.65 13.29
N ILE A 28 4.05 4.21 13.32
N ILE A 28 4.08 4.38 13.03
CA ILE A 28 4.85 3.36 14.19
CA ILE A 28 4.82 3.49 13.93
C ILE A 28 5.97 4.23 14.77
C ILE A 28 5.96 4.30 14.55
N SER A 29 6.01 4.31 16.10
N SER A 29 6.03 4.26 15.88
CA SER A 29 6.91 5.24 16.78
CA SER A 29 6.93 5.16 16.62
C SER A 29 7.29 4.68 18.14
C SER A 29 7.22 4.59 17.99
N ASN A 30 8.44 5.13 18.63
N ASN A 30 8.40 4.91 18.51
CA ASN A 30 8.89 4.85 19.99
CA ASN A 30 8.80 4.58 19.87
C ASN A 30 8.84 3.36 20.31
C ASN A 30 8.82 3.07 20.08
N CYS A 31 9.45 2.55 19.45
N CYS A 31 9.57 2.37 19.23
CA CYS A 31 9.46 1.12 19.65
CA CYS A 31 9.65 0.92 19.32
C CYS A 31 10.63 0.51 18.88
C CYS A 31 10.94 0.41 18.73
N VAL A 32 10.91 -0.75 19.18
N VAL A 32 11.21 -0.87 18.96
CA VAL A 32 11.95 -1.51 18.49
CA VAL A 32 12.36 -1.56 18.39
C VAL A 32 11.30 -2.23 17.32
C VAL A 32 11.89 -2.28 17.15
N ALA A 33 11.80 -1.98 16.11
N ALA A 33 12.51 -1.97 16.00
CA ALA A 33 11.23 -2.56 14.90
CA ALA A 33 12.09 -2.52 14.71
C ALA A 33 12.03 -3.81 14.55
C ALA A 33 12.98 -3.70 14.37
N ASP A 34 11.47 -4.98 14.81
N ASP A 34 12.55 -4.89 14.74
CA ASP A 34 12.16 -6.21 14.42
CA ASP A 34 13.23 -6.12 14.36
C ASP A 34 11.73 -6.56 13.01
C ASP A 34 12.54 -6.66 13.11
N TYR A 35 12.47 -6.04 12.03
N TYR A 35 13.16 -6.43 11.96
CA TYR A 35 12.18 -6.33 10.64
CA TYR A 35 12.58 -6.86 10.70
C TYR A 35 12.42 -7.80 10.30
C TYR A 35 12.74 -8.35 10.43
N SER A 36 13.32 -8.48 11.03
N SER A 36 13.45 -9.08 11.30
CA SER A 36 13.60 -9.87 10.69
CA SER A 36 13.70 -10.49 11.03
C SER A 36 12.38 -10.77 10.91
C SER A 36 12.39 -11.26 10.85
N VAL A 37 11.45 -10.37 11.79
N VAL A 37 11.40 -11.02 11.72
CA VAL A 37 10.15 -11.04 11.87
CA VAL A 37 10.14 -11.74 11.63
C VAL A 37 9.51 -11.14 10.49
C VAL A 37 9.53 -11.56 10.25
N LEU A 38 9.75 -10.14 9.65
N LEU A 38 9.52 -10.33 9.74
CA LEU A 38 9.07 -10.01 8.38
CA LEU A 38 9.14 -10.14 8.36
C LEU A 38 9.85 -10.61 7.22
C LEU A 38 10.06 -10.92 7.43
N TYR A 39 11.14 -10.36 7.13
N TYR A 39 11.35 -10.62 7.45
CA TYR A 39 11.83 -10.76 5.92
CA TYR A 39 12.16 -11.21 6.40
C TYR A 39 12.34 -12.20 5.97
C TYR A 39 12.54 -12.65 6.69
N ASN A 40 12.41 -12.80 7.15
N ASN A 40 11.92 -13.28 7.69
CA ASN A 40 12.70 -14.23 7.26
CA ASN A 40 11.88 -14.73 7.81
C ASN A 40 11.45 -15.08 7.14
C ASN A 40 10.49 -15.26 7.46
N SER A 41 10.26 -14.48 7.18
N SER A 41 9.83 -14.62 6.49
CA SER A 41 9.03 -15.21 6.93
CA SER A 41 8.51 -15.04 6.05
C SER A 41 9.02 -15.73 5.48
C SER A 41 8.55 -15.42 4.57
N ALA A 42 8.02 -16.54 5.16
N ALA A 42 8.69 -16.72 4.31
CA ALA A 42 8.02 -17.26 3.89
CA ALA A 42 8.49 -17.28 2.97
C ALA A 42 6.99 -16.77 2.88
C ALA A 42 7.05 -17.11 2.50
N SER A 43 5.85 -16.26 3.34
N SER A 43 6.18 -16.50 3.32
CA SER A 43 4.74 -16.01 2.42
CA SER A 43 4.80 -16.20 2.92
C SER A 43 4.96 -14.84 1.47
C SER A 43 4.67 -14.93 2.04
N PHE A 44 5.82 -13.88 1.82
N PHE A 44 5.68 -14.04 2.02
CA PHE A 44 5.88 -12.61 1.08
CA PHE A 44 5.64 -12.86 1.14
C PHE A 44 6.52 -12.83 -0.27
C PHE A 44 6.14 -13.19 -0.25
N SER A 45 5.70 -12.77 -1.33
N SER A 45 5.48 -12.62 -1.27
CA SER A 45 6.17 -12.84 -2.71
CA SER A 45 6.01 -12.84 -2.61
C SER A 45 6.73 -11.51 -3.21
C SER A 45 6.90 -11.70 -3.07
N THR A 46 6.57 -10.43 -2.44
N THR A 46 6.56 -10.47 -2.69
CA THR A 46 7.27 -9.18 -2.73
CA THR A 46 7.37 -9.28 -2.95
C THR A 46 7.92 -8.72 -1.44
C THR A 46 7.74 -8.69 -1.59
N PHE A 47 9.20 -8.36 -1.50
N PHE A 47 9.04 -8.46 -1.37
CA PHE A 47 9.87 -7.68 -0.40
CA PHE A 47 9.57 -7.78 -0.18
C PHE A 47 11.02 -6.95 -1.06
C PHE A 47 10.73 -6.95 -0.71
N LYS A 48 10.86 -5.66 -1.33
N LYS A 48 10.44 -5.73 -1.15
CA LYS A 48 11.87 -4.89 -2.04
CA LYS A 48 11.43 -4.87 -1.78
C LYS A 48 12.09 -3.57 -1.33
C LYS A 48 11.69 -3.69 -0.87
N CYS A 49 13.33 -3.23 -1.03
N CYS A 49 12.96 -3.32 -0.66
CA CYS A 49 13.65 -2.05 -0.26
CA CYS A 49 13.27 -2.13 0.09
C CYS A 49 14.30 -0.98 -1.13
C CYS A 49 14.12 -1.16 -0.75
N TYR A 50 14.35 0.23 -0.57
N TYR A 50 13.88 0.13 -0.52
CA TYR A 50 14.83 1.40 -1.28
CA TYR A 50 14.35 1.21 -1.37
C TYR A 50 15.63 2.23 -0.29
C TYR A 50 15.11 2.21 -0.51
N GLY A 51 16.86 2.56 -0.67
N GLY A 51 16.34 2.50 -0.90
CA GLY A 51 17.68 3.44 0.12
CA GLY A 51 17.12 3.45 -0.14
C GLY A 51 18.29 2.83 1.35
C GLY A 51 17.67 2.92 1.15
N VAL A 52 18.40 1.51 1.45
N VAL A 52 17.82 1.60 1.28
CA VAL A 52 18.86 0.94 2.71
CA VAL A 52 18.40 1.00 2.48
C VAL A 52 19.89 -0.15 2.45
C VAL A 52 19.47 0.04 2.01
N SER A 53 20.75 -0.38 3.44
N SER A 53 20.44 -0.27 2.90
CA SER A 53 21.90 -1.21 3.14
CA SER A 53 21.44 -1.24 2.48
C SER A 53 21.52 -2.69 3.13
C SER A 53 20.74 -2.59 2.29
N PRO A 54 22.15 -3.48 2.26
N PRO A 54 21.30 -3.47 1.49
CA PRO A 54 21.58 -4.78 1.87
CA PRO A 54 20.69 -4.81 1.37
C PRO A 54 21.35 -5.76 3.00
C PRO A 54 20.85 -5.67 2.63
N THR A 55 22.20 -5.80 4.00
N THR A 55 21.58 -5.22 3.66
CA THR A 55 22.03 -6.79 5.05
CA THR A 55 21.98 -6.12 4.73
C THR A 55 21.70 -6.19 6.41
C THR A 55 21.93 -5.55 6.15
N LYS A 56 21.81 -4.87 6.56
N LYS A 56 21.49 -4.31 6.36
CA LYS A 56 21.80 -4.23 7.88
CA LYS A 56 21.59 -3.70 7.68
C LYS A 56 20.51 -3.48 8.15
C LYS A 56 20.24 -3.23 8.22
N LEU A 57 19.38 -3.97 7.62
N LEU A 57 19.13 -3.72 7.64
CA LEU A 57 18.10 -3.33 7.90
CA LEU A 57 17.80 -3.29 8.05
C LEU A 57 17.75 -3.39 9.39
C LEU A 57 17.67 -3.24 9.56
N ASN A 58 17.98 -4.56 10.04
N ASN A 58 18.26 -4.20 10.27
CA ASN A 58 17.59 -4.73 11.44
CA ASN A 58 18.12 -4.29 11.72
C ASN A 58 18.41 -3.89 12.41
C ASN A 58 19.13 -3.42 12.47
N ASP A 59 19.30 -3.03 11.88
N ASP A 59 20.05 -2.72 11.79
CA ASP A 59 20.12 -2.15 12.70
CA ASP A 59 20.89 -1.73 12.46
C ASP A 59 19.83 -0.66 12.52
C ASP A 59 20.45 -0.28 12.22
N LEU A 60 18.87 -0.29 11.67
N LEU A 60 19.32 -0.06 11.56
CA LEU A 60 18.72 1.11 11.31
CA LEU A 60 18.93 1.28 11.13
C LEU A 60 17.76 1.84 12.25
C LEU A 60 18.11 2.01 12.20
N CYS A 61 18.06 3.13 12.48
N CYS A 61 18.22 3.34 12.18
CA CYS A 61 17.22 4.02 13.29
CA CYS A 61 17.41 4.22 13.01
C CYS A 61 16.62 5.10 12.43
C CYS A 61 16.59 5.17 12.14
N PHE A 62 15.31 5.29 12.52
N PHE A 62 15.33 5.36 12.52
CA PHE A 62 14.61 6.32 11.76
CA PHE A 62 14.48 6.36 11.90
C PHE A 62 13.85 7.24 12.69
C PHE A 62 13.65 7.08 12.95
N THR A 63 13.58 8.45 12.20
N THR A 63 13.19 8.26 12.57
CA THR A 63 12.71 9.39 12.91
CA THR A 63 12.39 9.09 13.44
C THR A 63 11.36 8.76 13.18
C THR A 63 10.99 8.51 13.61
N ASN A 64 10.62 8.44 12.12
N ASN A 64 10.44 7.90 12.55
CA ASN A 64 9.36 7.73 12.23
CA ASN A 64 9.14 7.24 12.59
C ASN A 64 9.19 6.83 11.03
C ASN A 64 9.11 6.21 11.47
N VAL A 65 8.31 5.86 11.20
N VAL A 65 8.15 5.30 11.55
CA VAL A 65 7.94 4.90 10.17
CA VAL A 65 7.82 4.42 10.45
C VAL A 65 6.42 4.97 10.03
C VAL A 65 6.33 4.56 10.19
N TYR A 66 5.94 4.93 8.79
N TYR A 66 5.95 4.71 8.93
CA TYR A 66 4.52 4.81 8.51
CA TYR A 66 4.54 4.67 8.51
C TYR A 66 4.25 3.50 7.79
C TYR A 66 4.29 3.40 7.73
N ALA A 67 3.16 2.82 8.17
N ALA A 67 3.26 2.64 8.16
CA ALA A 67 2.70 1.60 7.49
CA ALA A 67 2.89 1.37 7.51
C ALA A 67 1.44 1.93 6.72
C ALA A 67 1.52 1.53 6.86
N ASP A 68 1.49 1.76 5.39
N ASP A 68 1.51 1.71 5.55
CA ASP A 68 0.37 1.99 4.49
CA ASP A 68 0.29 1.77 4.73
C ASP A 68 -0.02 0.65 3.87
C ASP A 68 -0.12 0.34 4.39
N SER A 69 -1.32 0.34 3.85
N SER A 69 -1.44 0.10 4.30
CA SER A 69 -1.72 -1.01 3.49
CA SER A 69 -1.85 -1.25 3.93
C SER A 69 -3.06 -0.98 2.75
C SER A 69 -3.16 -1.18 3.15
N PHE A 70 -3.25 -1.97 1.89
N PHE A 70 -3.34 -2.17 2.27
CA PHE A 70 -4.38 -1.98 0.96
CA PHE A 70 -4.46 -2.17 1.32
C PHE A 70 -4.34 -3.22 0.09
C PHE A 70 -4.39 -3.48 0.54
N VAL A 71 -5.38 -3.37 -0.74
N VAL A 71 -5.41 -3.70 -0.29
CA VAL A 71 -5.52 -4.50 -1.66
CA VAL A 71 -5.49 -4.86 -1.18
C VAL A 71 -5.55 -3.97 -3.10
C VAL A 71 -5.56 -4.35 -2.62
N ILE A 72 -4.82 -4.66 -3.97
N ILE A 72 -4.80 -5.00 -3.51
CA ILE A 72 -4.80 -4.45 -5.42
CA ILE A 72 -4.85 -4.77 -4.95
C ILE A 72 -4.78 -5.85 -6.02
C ILE A 72 -4.68 -6.13 -5.63
N ARG A 73 -4.59 -5.95 -7.34
N ARG A 73 -4.85 -6.17 -6.95
CA ARG A 73 -4.47 -7.26 -7.99
CA ARG A 73 -4.67 -7.48 -7.58
C ARG A 73 -3.03 -7.55 -8.42
C ARG A 73 -3.18 -7.76 -7.80
N GLY A 74 -2.78 -8.84 -8.67
N GLY A 74 -2.87 -8.99 -8.21
CA GLY A 74 -1.41 -9.32 -8.82
CA GLY A 74 -1.49 -9.41 -8.33
C GLY A 74 -0.62 -8.60 -9.89
C GLY A 74 -0.70 -8.66 -9.40
N ASP A 75 -1.22 -8.36 -11.06
N ASP A 75 -1.29 -8.41 -10.57
CA ASP A 75 -0.41 -7.71 -12.10
CA ASP A 75 -0.53 -7.70 -11.59
C ASP A 75 -0.23 -6.21 -11.85
C ASP A 75 -0.36 -6.21 -11.29
N GLU A 76 -0.63 -5.72 -10.68
N GLU A 76 -0.99 -5.69 -10.22
CA GLU A 76 -0.38 -4.34 -10.29
CA GLU A 76 -0.86 -4.29 -9.84
C GLU A 76 0.68 -4.22 -9.20
C GLU A 76 0.19 -4.03 -8.77
N VAL A 77 1.11 -5.33 -8.61
N VAL A 77 0.70 -5.09 -8.12
CA VAL A 77 2.09 -5.27 -7.53
CA VAL A 77 1.72 -4.89 -7.09
C VAL A 77 3.35 -4.55 -7.98
C VAL A 77 2.91 -4.14 -7.67
N ARG A 78 3.69 -4.63 -9.28
N ARG A 78 3.28 -4.43 -8.92
CA ARG A 78 4.85 -3.89 -9.76
CA ARG A 78 4.44 -3.78 -9.53
C ARG A 78 4.63 -2.37 -9.79
C ARG A 78 4.29 -2.27 -9.53
N GLN A 79 3.39 -1.90 -9.65
N GLN A 79 3.05 -1.75 -9.48
CA GLN A 79 3.17 -0.46 -9.57
CA GLN A 79 2.81 -0.32 -9.52
C GLN A 79 3.37 0.10 -8.18
C GLN A 79 3.21 0.38 -8.23
N ILE A 80 3.46 -0.76 -7.15
N ILE A 80 3.40 -0.38 -7.15
CA ILE A 80 3.75 -0.27 -5.81
CA ILE A 80 3.74 0.22 -5.86
C ILE A 80 5.27 -0.17 -5.78
C ILE A 80 5.24 0.24 -5.73
N ALA A 81 5.78 0.91 -6.36
N ALA A 81 5.87 1.15 -6.46
CA ALA A 81 7.21 1.19 -6.46
CA ALA A 81 7.32 1.23 -6.50
C ALA A 81 7.37 2.62 -6.95
C ALA A 81 7.66 2.58 -7.12
N PRO A 82 8.51 3.24 -6.71
N PRO A 82 8.75 3.20 -6.70
CA PRO A 82 8.74 4.59 -7.24
CA PRO A 82 9.11 4.49 -7.30
C PRO A 82 8.69 4.60 -8.77
C PRO A 82 9.22 4.35 -8.81
N GLY A 83 8.30 5.74 -9.31
N GLY A 83 8.74 5.38 -9.51
CA GLY A 83 8.41 5.99 -10.75
CA GLY A 83 8.87 5.48 -10.94
C GLY A 83 7.62 5.09 -11.65
C GLY A 83 7.79 4.78 -11.73
N GLN A 84 6.43 4.67 -11.22
N GLN A 84 6.77 4.22 -11.08
CA GLN A 84 5.52 3.90 -12.05
CA GLN A 84 5.81 3.36 -11.76
C GLN A 84 4.35 4.76 -12.51
C GLN A 84 4.60 4.14 -12.25
N THR A 85 3.64 4.25 -13.53
N THR A 85 4.06 3.72 -13.40
CA THR A 85 2.36 4.80 -13.94
CA THR A 85 2.81 4.26 -13.95
C THR A 85 1.36 3.65 -14.09
C THR A 85 1.75 3.16 -14.04
N GLY A 86 0.08 4.00 -14.11
N GLY A 86 0.50 3.57 -14.25
CA GLY A 86 -1.02 3.05 -14.13
CA GLY A 86 -0.61 2.63 -14.34
C GLY A 86 -2.10 3.46 -13.16
C GLY A 86 -1.79 3.17 -13.56
N LYS A 87 -3.24 2.78 -13.27
N LYS A 87 -2.90 2.42 -13.49
CA LYS A 87 -4.41 3.15 -12.47
CA LYS A 87 -4.08 2.95 -12.82
C LYS A 87 -4.07 3.20 -10.98
C LYS A 87 -3.82 3.22 -11.34
N ILE A 88 -3.23 2.28 -10.50
N ILE A 88 -3.12 2.31 -10.66
CA ILE A 88 -2.92 2.24 -9.08
CA ILE A 88 -2.95 2.46 -9.22
C ILE A 88 -1.87 3.29 -8.72
C ILE A 88 -2.03 3.65 -8.90
N ALA A 89 -0.76 3.33 -9.47
N ALA A 89 -0.83 3.67 -9.48
CA ALA A 89 0.26 4.35 -9.20
CA ALA A 89 0.09 4.76 -9.20
C ALA A 89 -0.25 5.76 -9.47
C ALA A 89 -0.48 6.11 -9.64
N ASP A 90 -1.16 5.94 -10.44
N ASP A 90 -1.12 6.15 -10.83
CA ASP A 90 -1.58 7.30 -10.80
CA ASP A 90 -1.67 7.42 -11.30
C ASP A 90 -2.75 7.80 -9.98
C ASP A 90 -2.81 7.89 -10.41
N TYR A 91 -3.74 6.95 -9.72
N TYR A 91 -3.73 7.00 -10.03
CA TYR A 91 -4.99 7.39 -9.10
CA TYR A 91 -4.98 7.43 -9.44
C TYR A 91 -5.21 6.85 -7.70
C TYR A 91 -5.25 6.97 -8.01
N ASN A 92 -4.32 6.00 -7.19
N ASN A 92 -4.52 6.00 -7.47
CA ASN A 92 -4.73 5.36 -5.94
CA ASN A 92 -4.87 5.45 -6.15
C ASN A 92 -3.66 5.36 -4.87
C ASN A 92 -3.82 5.67 -5.07
N TYR A 93 -2.40 5.17 -5.24
N TYR A 93 -2.62 5.15 -5.26
CA TYR A 93 -1.31 5.14 -4.28
CA TYR A 93 -1.59 5.12 -4.23
C TYR A 93 -0.03 5.43 -5.04
C TYR A 93 -0.25 5.29 -4.90
N LYS A 94 0.72 6.46 -4.60
N LYS A 94 0.42 6.43 -4.68
CA LYS A 94 1.87 7.00 -5.34
CA LYS A 94 1.61 6.83 -5.44
C LYS A 94 3.04 7.15 -4.40
C LYS A 94 2.81 6.90 -4.51
N LEU A 95 4.07 6.34 -4.58
N LEU A 95 3.96 6.40 -5.00
CA LEU A 95 5.31 6.55 -3.87
CA LEU A 95 5.20 6.38 -4.22
C LEU A 95 6.05 7.74 -4.48
C LEU A 95 6.20 7.33 -4.85
N PRO A 96 6.86 8.42 -3.68
N PRO A 96 6.91 8.12 -4.05
CA PRO A 96 7.76 9.44 -4.24
CA PRO A 96 7.75 9.21 -4.61
C PRO A 96 8.97 8.82 -4.91
C PRO A 96 9.00 8.69 -5.30
N ASP A 97 9.50 9.54 -5.91
N ASP A 97 9.70 9.62 -5.98
CA ASP A 97 10.67 9.06 -6.65
CA ASP A 97 10.96 9.30 -6.66
C ASP A 97 11.82 8.71 -5.70
C ASP A 97 12.11 9.08 -5.68
N ASP A 98 11.99 9.49 -4.63
N ASP A 98 12.03 9.66 -4.48
CA ASP A 98 13.08 9.30 -3.67
CA ASP A 98 13.07 9.54 -3.48
C ASP A 98 12.64 8.43 -2.50
C ASP A 98 12.62 8.77 -2.25
N PHE A 99 11.76 7.48 -2.74
N PHE A 99 11.70 7.83 -2.43
CA PHE A 99 11.24 6.63 -1.67
CA PHE A 99 11.18 7.03 -1.33
C PHE A 99 12.36 6.00 -0.84
C PHE A 99 12.27 6.24 -0.63
N THR A 100 12.24 6.14 0.49
N THR A 100 12.17 6.14 0.70
CA THR A 100 12.99 5.36 1.45
CA THR A 100 13.03 5.28 1.52
C THR A 100 12.00 4.48 2.18
C THR A 100 12.15 4.36 2.36
N GLY A 101 12.16 3.17 2.06
N GLY A 101 12.26 3.06 2.12
CA GLY A 101 11.18 2.25 2.61
CA GLY A 101 11.39 2.13 2.86
C GLY A 101 11.22 0.93 1.85
C GLY A 101 11.22 0.79 2.18
N CYS A 102 10.32 0.05 2.33
N CYS A 102 10.16 0.06 2.54
CA CYS A 102 10.22 -1.29 1.76
CA CYS A 102 9.96 -1.31 2.02
C CYS A 102 8.77 -1.57 1.36
C CYS A 102 8.56 -1.49 1.44
N VAL A 103 8.61 -2.39 0.33
N VAL A 103 8.44 -2.28 0.39
CA VAL A 103 7.29 -2.81 -0.14
CA VAL A 103 7.10 -2.61 -0.16
C VAL A 103 7.19 -4.30 0.12
C VAL A 103 6.95 -4.13 -0.03
N ILE A 104 6.10 -4.73 0.76
N ILE A 104 5.94 -4.59 0.71
CA ILE A 104 5.87 -6.10 1.16
CA ILE A 104 5.77 -6.03 0.88
C ILE A 104 4.48 -6.52 0.72
C ILE A 104 4.39 -6.40 0.35
N ALA A 105 4.40 -7.54 -0.14
N ALA A 105 4.25 -7.62 -0.16
CA ALA A 105 3.11 -7.95 -0.68
CA ALA A 105 2.94 -8.06 -0.59
C ALA A 105 3.05 -9.47 -0.74
C ALA A 105 2.82 -9.56 -0.42
N TRP A 106 1.84 -10.00 -0.60
N TRP A 106 1.58 -10.04 -0.31
CA TRP A 106 1.63 -11.43 -0.71
CA TRP A 106 1.38 -11.48 -0.32
C TRP A 106 0.28 -11.71 -1.33
C TRP A 106 0.01 -11.80 -0.90
N ASN A 107 0.15 -12.91 -1.87
N ASN A 107 -0.06 -12.93 -1.60
CA ASN A 107 -1.13 -13.36 -2.41
CA ASN A 107 -1.27 -13.30 -2.31
C ASN A 107 -2.10 -13.58 -1.26
C ASN A 107 -2.34 -13.68 -1.30
N SER A 108 -3.33 -13.09 -1.41
N SER A 108 -3.45 -12.95 -1.29
CA SER A 108 -4.34 -13.33 -0.39
CA SER A 108 -4.51 -13.15 -0.31
C SER A 108 -5.61 -13.90 -1.01
C SER A 108 -5.74 -13.81 -0.92
N ASN A 109 -5.43 -14.72 -2.07
N ASN A 109 -5.52 -14.65 -1.94
CA ASN A 109 -6.56 -15.33 -2.76
CA ASN A 109 -6.64 -15.34 -2.59
C ASN A 109 -7.41 -16.18 -1.83
C ASN A 109 -7.45 -16.11 -1.58
N ASN A 110 -6.85 -16.65 -0.72
N ASN A 110 -6.78 -16.82 -0.67
CA ASN A 110 -7.58 -17.54 0.18
CA ASN A 110 -7.50 -17.62 0.32
C ASN A 110 -8.36 -16.80 1.26
C ASN A 110 -8.43 -16.75 1.16
N LEU A 111 -8.40 -15.47 1.25
N LEU A 111 -7.95 -15.59 1.58
CA LEU A 111 -9.16 -14.68 2.21
CA LEU A 111 -8.69 -14.68 2.45
C LEU A 111 -9.93 -13.53 1.59
C LEU A 111 -9.71 -13.84 1.69
N ASP A 112 -9.62 -13.13 0.36
N ASP A 112 -9.28 -13.14 0.63
CA ASP A 112 -10.18 -11.92 -0.24
CA ASP A 112 -10.10 -12.12 0.00
C ASP A 112 -10.94 -12.18 -1.54
C ASP A 112 -10.94 -12.60 -1.18
N SER A 113 -10.95 -13.42 -2.04
N SER A 113 -10.80 -13.84 -1.63
CA SER A 113 -11.86 -13.86 -3.09
CA SER A 113 -11.71 -14.38 -2.64
C SER A 113 -12.86 -14.84 -2.51
C SER A 113 -12.98 -14.90 -2.00
N LYS A 114 -13.99 -14.93 -3.20
N LYS A 114 -14.03 -15.01 -2.82
CA LYS A 114 -15.09 -15.80 -2.78
CA LYS A 114 -15.27 -15.70 -2.48
C LYS A 114 -15.76 -16.30 -4.05
C LYS A 114 -15.78 -16.39 -3.73
N VAL A 115 -16.13 -17.59 -4.07
N VAL A 115 -16.59 -17.44 -3.52
CA VAL A 115 -17.00 -18.07 -5.14
CA VAL A 115 -17.29 -18.09 -4.63
C VAL A 115 -18.25 -17.20 -5.15
C VAL A 115 -18.24 -17.09 -5.29
N GLY A 116 -18.66 -16.79 -6.34
N GLY A 116 -18.14 -16.97 -6.61
CA GLY A 116 -19.70 -15.80 -6.48
CA GLY A 116 -18.96 -16.02 -7.34
C GLY A 116 -19.18 -14.38 -6.47
C GLY A 116 -18.47 -14.59 -7.26
N GLY A 117 -17.88 -14.19 -6.20
N GLY A 117 -17.44 -14.34 -6.47
CA GLY A 117 -17.23 -12.91 -6.42
CA GLY A 117 -16.78 -13.05 -6.44
C GLY A 117 -17.22 -11.96 -5.23
C GLY A 117 -16.90 -12.33 -5.12
N ASN A 118 -16.04 -11.53 -4.80
N ASN A 118 -15.82 -11.69 -4.71
CA ASN A 118 -15.93 -10.48 -3.79
CA ASN A 118 -15.88 -10.70 -3.64
C ASN A 118 -15.74 -9.15 -4.50
C ASN A 118 -15.64 -9.35 -4.32
N TYR A 119 -16.69 -8.23 -4.27
N TYR A 119 -16.68 -8.51 -4.32
CA TYR A 119 -16.72 -6.95 -4.96
CA TYR A 119 -16.64 -7.21 -4.98
C TYR A 119 -16.62 -5.78 -3.98
C TYR A 119 -16.41 -6.08 -3.99
N ASN A 120 -16.15 -6.03 -2.75
N ASN A 120 -16.15 -6.41 -2.73
CA ASN A 120 -16.06 -4.95 -1.78
CA ASN A 120 -16.05 -5.38 -1.70
C ASN A 120 -14.78 -4.15 -1.86
C ASN A 120 -14.85 -4.46 -1.90
N TYR A 121 -13.74 -4.61 -2.54
N TYR A 121 -13.75 -4.96 -2.47
CA TYR A 121 -12.51 -3.83 -2.67
CA TYR A 121 -12.58 -4.12 -2.68
C TYR A 121 -12.58 -2.97 -3.92
C TYR A 121 -12.78 -3.24 -3.90
N LEU A 122 -12.33 -1.67 -3.75
N LEU A 122 -12.37 -1.96 -3.80
CA LEU A 122 -12.42 -0.70 -4.83
CA LEU A 122 -12.65 -0.98 -4.84
C LEU A 122 -11.06 -0.10 -5.13
C LEU A 122 -11.37 -0.26 -5.23
N TYR A 123 -10.96 0.42 -6.35
N TYR A 123 -11.44 0.44 -6.36
CA TYR A 123 -9.82 1.23 -6.76
CA TYR A 123 -10.35 1.34 -6.75
C TYR A 123 -10.40 2.42 -7.50
C TYR A 123 -10.94 2.45 -7.60
N ARG A 124 -9.60 3.50 -7.62
N ARG A 124 -10.21 3.57 -7.70
CA ARG A 124 -10.04 4.64 -8.40
CA ARG A 124 -10.63 4.71 -8.51
C ARG A 124 -9.73 4.39 -9.88
C ARG A 124 -10.21 4.46 -9.96
N LEU A 125 -10.78 4.33 -10.69
N LEU A 125 -11.18 4.54 -10.88
CA LEU A 125 -10.71 4.08 -12.12
CA LEU A 125 -10.95 4.29 -12.30
C LEU A 125 -10.49 5.34 -12.93
C LEU A 125 -10.65 5.57 -13.08
N PHE A 126 -10.98 6.49 -12.47
N PHE A 126 -11.22 6.71 -12.68
CA PHE A 126 -10.88 7.75 -13.21
CA PHE A 126 -11.10 7.95 -13.44
C PHE A 126 -10.31 8.84 -12.31
C PHE A 126 -10.68 9.08 -12.52
N ARG A 127 -9.66 9.82 -12.94
N ARG A 127 -9.73 9.89 -12.97
CA ARG A 127 -9.25 11.03 -12.24
CA ARG A 127 -9.30 11.02 -12.18
C ARG A 127 -8.71 12.02 -13.27
C ARG A 127 -8.81 12.13 -13.09
N LYS A 128 -8.94 13.31 -12.99
N LYS A 128 -9.00 13.38 -12.64
CA LYS A 128 -8.45 14.36 -13.88
CA LYS A 128 -8.65 14.53 -13.46
C LYS A 128 -6.93 14.49 -13.84
C LYS A 128 -7.15 14.73 -13.61
N SER A 129 -6.29 14.08 -12.75
N SER A 129 -6.34 14.22 -12.67
CA SER A 129 -4.86 14.32 -12.57
CA SER A 129 -4.89 14.32 -12.78
C SER A 129 -4.30 13.29 -11.60
C SER A 129 -4.28 13.19 -11.97
N ASN A 130 -2.97 13.13 -11.63
N ASN A 130 -2.98 12.97 -12.15
CA ASN A 130 -2.32 12.07 -10.86
CA ASN A 130 -2.29 11.98 -11.34
C ASN A 130 -2.11 12.48 -9.41
C ASN A 130 -2.25 12.43 -9.89
N LEU A 131 -2.07 11.48 -8.53
N LEU A 131 -2.29 11.46 -8.98
CA LEU A 131 -1.83 11.72 -7.11
CA LEU A 131 -2.04 11.74 -7.58
C LEU A 131 -0.44 12.27 -6.88
C LEU A 131 -0.58 12.16 -7.38
N LYS A 132 -0.31 13.19 -5.92
N LYS A 132 -0.37 13.09 -6.43
CA LYS A 132 1.00 13.50 -5.36
CA LYS A 132 0.98 13.32 -5.92
C LYS A 132 1.43 12.37 -4.43
C LYS A 132 1.38 12.12 -5.06
N PRO A 133 2.73 12.24 -4.15
N PRO A 133 2.68 11.93 -4.82
CA PRO A 133 3.20 11.14 -3.31
CA PRO A 133 3.08 10.84 -3.92
C PRO A 133 2.46 11.09 -1.98
C PRO A 133 2.50 11.01 -2.52
N PHE A 134 1.96 9.91 -1.65
N PHE A 134 1.95 9.93 -1.98
CA PHE A 134 1.16 9.70 -0.45
CA PHE A 134 1.42 9.80 -0.62
C PHE A 134 -0.11 10.56 -0.47
C PHE A 134 0.11 10.56 -0.39
N GLU A 135 -0.63 10.89 -1.65
N GLU A 135 -0.43 11.23 -1.40
CA GLU A 135 -1.97 11.48 -1.70
CA GLU A 135 -1.74 11.87 -1.28
C GLU A 135 -3.00 10.36 -1.57
C GLU A 135 -2.84 10.81 -1.19
N ARG A 136 -4.06 10.68 -0.81
N ARG A 136 -3.96 11.17 -0.57
CA ARG A 136 -5.20 9.73 -0.68
CA ARG A 136 -5.12 10.29 -0.47
C ARG A 136 -6.45 10.48 -1.13
C ARG A 136 -6.32 11.05 -1.01
N ASP A 137 -7.14 9.97 -2.14
N ASP A 137 -7.11 10.39 -1.84
CA ASP A 137 -8.34 10.61 -2.67
CA ASP A 137 -8.30 10.99 -2.44
C ASP A 137 -9.53 9.72 -2.37
C ASP A 137 -9.44 10.01 -2.27
N ILE A 138 -10.48 10.20 -1.55
N ILE A 138 -10.36 10.29 -1.33
CA ILE A 138 -11.65 9.38 -1.26
CA ILE A 138 -11.52 9.44 -1.11
C ILE A 138 -12.93 10.12 -1.64
C ILE A 138 -12.77 10.04 -1.70
N SER A 139 -12.84 11.02 -2.61
N SER A 139 -12.69 11.22 -2.28
CA SER A 139 -14.04 11.66 -3.12
CA SER A 139 -13.85 11.92 -2.82
C SER A 139 -14.74 10.73 -4.10
C SER A 139 -14.54 11.06 -3.87
N THR A 140 -16.01 11.01 -4.36
N THR A 140 -15.83 11.35 -4.08
CA THR A 140 -16.77 10.25 -5.36
CA THR A 140 -16.68 10.62 -5.01
C THR A 140 -17.53 11.20 -6.28
C THR A 140 -17.48 11.59 -5.87
N GLU A 141 -16.92 12.32 -6.61
N GLU A 141 -16.79 12.54 -6.49
CA GLU A 141 -17.55 13.26 -7.52
CA GLU A 141 -17.38 13.37 -7.54
C GLU A 141 -17.65 12.66 -8.91
C GLU A 141 -17.57 12.56 -8.81
N ILE A 142 -18.77 12.89 -9.58
N ILE A 142 -18.62 12.89 -9.57
CA ILE A 142 -18.99 12.25 -10.87
CA ILE A 142 -18.82 12.32 -10.90
C ILE A 142 -17.93 12.73 -11.85
C ILE A 142 -17.72 12.84 -11.82
N TYR A 143 -17.18 11.78 -12.42
N TYR A 143 -17.32 12.02 -12.79
CA TYR A 143 -16.11 12.08 -13.34
CA TYR A 143 -16.17 12.32 -13.62
C TYR A 143 -16.67 12.43 -14.72
C TYR A 143 -16.60 12.53 -15.08
N GLN A 144 -16.17 13.51 -15.30
N GLN A 144 -16.15 13.63 -15.68
CA GLN A 144 -16.53 13.89 -16.66
CA GLN A 144 -16.53 14.02 -17.04
C GLN A 144 -15.49 13.29 -17.61
C GLN A 144 -15.55 13.39 -18.04
N ALA A 145 -15.91 12.33 -18.43
N ALA A 145 -15.93 12.27 -18.63
CA ALA A 145 -14.99 11.63 -19.31
CA ALA A 145 -15.11 11.59 -19.63
C ALA A 145 -14.86 12.29 -20.69
C ALA A 145 -15.44 11.99 -21.07
N GLY A 146 -15.92 12.94 -21.18
N GLY A 146 -16.60 12.60 -21.31
CA GLY A 146 -15.92 13.55 -22.49
CA GLY A 146 -16.95 13.09 -22.62
C GLY A 146 -15.88 15.07 -22.45
C GLY A 146 -16.64 14.57 -22.78
N SER A 147 -16.29 15.67 -23.58
N SER A 147 -17.10 15.15 -23.89
CA SER A 147 -16.22 17.15 -23.71
CA SER A 147 -16.80 16.59 -24.14
C SER A 147 -17.56 17.80 -23.35
C SER A 147 -17.76 17.45 -23.30
N THR A 148 -18.47 17.05 -22.74
N THR A 148 -19.02 17.02 -23.20
CA THR A 148 -19.76 17.63 -22.30
CA THR A 148 -20.06 17.77 -22.46
C THR A 148 -19.77 17.69 -20.77
C THR A 148 -19.81 17.78 -20.94
N PRO A 149 -20.09 18.84 -20.16
N PRO A 149 -20.14 18.88 -20.23
CA PRO A 149 -20.06 19.01 -18.71
CA PRO A 149 -20.02 18.96 -18.77
C PRO A 149 -21.13 18.15 -18.02
C PRO A 149 -21.05 18.07 -18.05
N CYS A 150 -20.86 17.72 -16.79
N CYS A 150 -20.77 17.66 -16.81
CA CYS A 150 -21.79 16.81 -16.10
CA CYS A 150 -21.66 16.71 -16.09
C CYS A 150 -22.54 17.48 -14.95
C CYS A 150 -22.54 17.39 -15.04
N ASN A 151 -23.87 17.36 -14.95
N ASN A 151 -23.84 17.12 -15.07
CA ASN A 151 -24.63 17.80 -13.76
CA ASN A 151 -24.74 17.61 -14.00
C ASN A 151 -24.78 16.49 -13.01
C ASN A 151 -25.26 16.36 -13.28
N GLY A 152 -23.74 16.11 -12.24
N GLY A 152 -24.39 15.68 -12.53
CA GLY A 152 -23.78 14.76 -11.69
CA GLY A 152 -24.79 14.41 -11.89
C GLY A 152 -23.80 13.78 -12.84
C GLY A 152 -24.34 13.20 -12.69
N VAL A 153 -24.66 12.76 -12.75
N VAL A 153 -24.73 12.00 -12.26
CA VAL A 153 -24.73 11.76 -13.82
CA VAL A 153 -24.31 10.76 -12.89
C VAL A 153 -25.65 12.20 -14.94
C VAL A 153 -25.27 10.37 -14.02
N GLU A 154 -26.44 13.25 -14.77
N GLU A 154 -24.69 9.91 -15.14
CA GLU A 154 -27.12 13.82 -15.93
CA GLU A 154 -25.45 9.45 -16.30
C GLU A 154 -26.05 14.25 -16.93
C GLU A 154 -24.93 8.10 -16.73
N GLY A 155 -26.08 13.63 -18.11
N GLY A 155 -25.67 7.44 -17.63
CA GLY A 155 -25.10 13.95 -19.16
CA GLY A 155 -25.15 6.18 -18.18
C GLY A 155 -24.41 12.72 -19.72
C GLY A 155 -23.81 6.38 -18.86
N PHE A 156 -24.02 12.73 -20.99
N PHE A 156 -23.68 7.41 -19.70
CA PHE A 156 -23.26 11.61 -21.60
CA PHE A 156 -22.42 7.59 -20.49
C PHE A 156 -21.85 11.54 -21.01
C PHE A 156 -21.77 8.98 -20.35
N ASN A 157 -21.27 10.34 -20.90
N ASN A 157 -20.44 9.03 -20.14
CA ASN A 157 -19.87 10.18 -20.43
CA ASN A 157 -19.68 10.30 -20.17
C ASN A 157 -19.67 10.76 -19.03
C ASN A 157 -19.80 11.05 -18.84
N CYS A 158 -20.66 10.60 -18.15
N CYS A 158 -20.50 10.47 -17.87
CA CYS A 158 -20.53 11.05 -16.74
CA CYS A 158 -20.62 11.05 -16.52
C CYS A 158 -20.47 9.81 -15.86
C CYS A 158 -20.54 9.84 -15.61
N TYR A 159 -19.34 9.57 -15.18
N TYR A 159 -19.35 9.54 -15.10
CA TYR A 159 -19.23 8.31 -14.46
CA TYR A 159 -19.20 8.24 -14.39
C TYR A 159 -18.95 8.48 -12.97
C TYR A 159 -18.78 8.34 -12.92
N PHE A 160 -19.54 7.59 -12.18
N PHE A 160 -19.28 7.41 -12.12
CA PHE A 160 -19.00 7.35 -10.84
CA PHE A 160 -18.83 7.28 -10.75
C PHE A 160 -17.54 6.93 -10.99
C PHE A 160 -17.36 6.90 -10.77
N PRO A 161 -16.63 7.41 -10.16
N PRO A 161 -16.50 7.58 -10.00
CA PRO A 161 -15.19 7.24 -10.45
CA PRO A 161 -15.05 7.44 -10.24
C PRO A 161 -14.51 6.02 -9.84
C PRO A 161 -14.45 6.15 -9.74
N LEU A 162 -15.22 5.19 -9.07
N LEU A 162 -15.09 5.46 -8.81
CA LEU A 162 -14.64 4.02 -8.41
CA LEU A 162 -14.57 4.22 -8.26
C LEU A 162 -15.22 2.74 -9.01
C LEU A 162 -15.14 3.03 -9.02
N GLN A 163 -14.39 1.70 -9.08
N GLN A 163 -14.36 1.95 -9.04
CA GLN A 163 -14.81 0.42 -9.65
CA GLN A 163 -14.78 0.69 -9.66
C GLN A 163 -14.40 -0.71 -8.72
C GLN A 163 -14.37 -0.41 -8.68
N SER A 164 -15.22 -1.75 -8.69
N SER A 164 -15.04 -1.54 -8.74
CA SER A 164 -14.95 -2.87 -7.81
CA SER A 164 -14.71 -2.64 -7.84
C SER A 164 -13.96 -3.84 -8.43
C SER A 164 -13.83 -3.67 -8.56
N TYR A 165 -13.00 -4.31 -7.62
N TYR A 165 -12.87 -4.25 -7.83
CA TYR A 165 -12.23 -5.48 -8.01
CA TYR A 165 -12.32 -5.53 -8.26
C TYR A 165 -13.13 -6.72 -8.00
C TYR A 165 -13.41 -6.60 -8.10
N GLY A 166 -12.97 -7.59 -8.99
N GLY A 166 -13.39 -7.63 -8.95
CA GLY A 166 -13.68 -8.86 -8.98
CA GLY A 166 -14.17 -8.82 -8.67
C GLY A 166 -12.75 -9.99 -8.61
C GLY A 166 -13.28 -10.02 -8.45
N PHE A 167 -12.78 -10.41 -7.35
N PHE A 167 -13.06 -10.39 -7.18
CA PHE A 167 -11.89 -11.46 -6.85
CA PHE A 167 -12.07 -11.40 -6.81
C PHE A 167 -12.68 -12.76 -6.72
C PHE A 167 -12.77 -12.75 -6.66
N GLN A 168 -12.48 -13.70 -7.69
N GLN A 168 -12.44 -13.71 -7.54
CA GLN A 168 -12.92 -15.08 -7.62
CA GLN A 168 -12.99 -15.06 -7.52
C GLN A 168 -11.72 -16.01 -7.42
C GLN A 168 -11.86 -16.08 -7.43
N PRO A 169 -11.82 -17.02 -6.53
N PRO A 169 -12.12 -17.26 -6.84
CA PRO A 169 -10.64 -17.84 -6.21
CA PRO A 169 -11.01 -18.22 -6.65
C PRO A 169 -10.03 -18.56 -7.40
C PRO A 169 -10.38 -18.65 -7.96
N THR A 170 -10.77 -18.69 -8.50
N THR A 170 -11.18 -18.73 -9.00
CA THR A 170 -10.31 -19.32 -9.73
CA THR A 170 -10.78 -19.18 -10.33
C THR A 170 -9.68 -18.33 -10.71
C THR A 170 -10.11 -18.10 -11.16
N ASN A 171 -9.51 -17.06 -10.33
N ASN A 171 -10.04 -16.87 -10.67
CA ASN A 171 -8.86 -16.08 -11.20
CA ASN A 171 -9.25 -15.86 -11.36
C ASN A 171 -7.44 -16.51 -11.55
C ASN A 171 -7.82 -16.36 -11.47
N GLY A 172 -6.99 -16.09 -12.74
N GLY A 172 -7.19 -16.07 -12.62
CA GLY A 172 -5.57 -16.14 -13.02
CA GLY A 172 -5.75 -16.24 -12.72
C GLY A 172 -4.78 -15.23 -12.10
C GLY A 172 -5.06 -15.48 -11.60
N VAL A 173 -3.49 -15.55 -11.95
N VAL A 173 -3.79 -15.84 -11.37
CA VAL A 173 -2.64 -14.93 -10.93
CA VAL A 173 -3.03 -15.23 -10.28
C VAL A 173 -2.69 -13.41 -11.00
C VAL A 173 -3.02 -13.71 -10.41
N GLY A 174 -2.63 -12.85 -12.21
N GLY A 174 -2.84 -13.20 -11.62
CA GLY A 174 -2.61 -11.41 -12.36
CA GLY A 174 -2.72 -11.75 -11.79
C GLY A 174 -3.90 -10.72 -11.91
C GLY A 174 -3.99 -11.00 -11.44
N TYR A 175 -4.98 -11.48 -11.68
N TYR A 175 -5.14 -11.67 -11.47
CA TYR A 175 -6.25 -10.95 -11.20
CA TYR A 175 -6.43 -11.13 -11.08
C TYR A 175 -6.66 -11.60 -9.88
C TYR A 175 -6.78 -11.43 -9.62
N GLN A 176 -5.70 -12.04 -9.09
N GLN A 176 -5.92 -12.18 -8.91
CA GLN A 176 -6.00 -12.48 -7.76
CA GLN A 176 -6.09 -12.51 -7.51
C GLN A 176 -5.77 -11.37 -6.77
C GLN A 176 -5.65 -11.37 -6.60
N PRO A 177 -6.36 -11.42 -5.59
N PRO A 177 -6.32 -11.21 -5.46
CA PRO A 177 -6.09 -10.37 -4.60
CA PRO A 177 -5.99 -10.10 -4.55
C PRO A 177 -4.75 -10.61 -3.93
C PRO A 177 -4.63 -10.29 -3.91
N TYR A 178 -4.01 -9.50 -3.82
N TYR A 178 -3.96 -9.16 -3.63
CA TYR A 178 -2.78 -9.38 -3.04
CA TYR A 178 -2.72 -9.14 -2.86
C TYR A 178 -2.98 -8.30 -1.99
C TYR A 178 -2.84 -8.16 -1.71
N ARG A 179 -2.48 -8.56 -0.79
N ARG A 179 -2.50 -8.63 -0.52
CA ARG A 179 -2.45 -7.53 0.23
CA ARG A 179 -2.35 -7.73 0.61
C ARG A 179 -1.05 -6.89 0.25
C ARG A 179 -0.94 -7.13 0.56
N VAL A 180 -0.99 -5.60 0.58
N VAL A 180 -0.86 -5.80 0.63
CA VAL A 180 0.23 -4.82 0.47
CA VAL A 180 0.36 -5.03 0.40
C VAL A 180 0.48 -4.11 1.79
C VAL A 180 0.57 -4.10 1.59
N VAL A 181 1.75 -4.00 2.20
N VAL A 181 1.77 -4.14 2.19
CA VAL A 181 2.15 -3.10 3.28
CA VAL A 181 2.12 -3.18 3.24
C VAL A 181 3.32 -2.28 2.76
C VAL A 181 3.37 -2.46 2.76
N VAL A 182 3.24 -0.95 2.92
N VAL A 182 3.29 -1.13 2.68
CA VAL A 182 4.31 -0.05 2.51
CA VAL A 182 4.43 -0.28 2.41
C VAL A 182 4.81 0.66 3.77
C VAL A 182 4.98 0.20 3.74
N LEU A 183 6.03 0.31 4.20
N LEU A 183 6.30 0.13 3.90
CA LEU A 183 6.68 0.89 5.38
CA LEU A 183 6.98 0.78 5.01
C LEU A 183 7.56 2.05 4.89
C LEU A 183 7.70 2.00 4.46
N SER A 184 7.08 3.29 5.06
N SER A 184 7.47 3.16 5.09
CA SER A 184 7.88 4.47 4.84
CA SER A 184 8.14 4.41 4.75
C SER A 184 8.91 4.65 5.94
C SER A 184 8.93 4.89 5.95
N PHE A 185 10.12 5.05 5.57
N PHE A 185 10.24 5.03 5.79
CA PHE A 185 11.13 5.41 6.56
CA PHE A 185 11.15 5.28 6.90
C PHE A 185 11.35 6.92 6.47
C PHE A 185 11.44 6.78 6.95
N GLU A 186 11.01 7.62 7.55
N GLU A 186 10.92 7.46 7.97
CA GLU A 186 11.11 9.07 7.57
CA GLU A 186 11.08 8.90 8.08
C GLU A 186 12.42 9.47 8.24
C GLU A 186 12.28 9.21 8.96
N LEU A 187 13.10 10.44 7.66
N LEU A 187 13.16 10.07 8.46
CA LEU A 187 14.34 10.89 8.24
CA LEU A 187 14.48 10.33 9.05
C LEU A 187 14.23 12.41 8.38
C LEU A 187 14.75 11.83 9.05
N LEU A 188 14.11 12.88 9.62
N LEU A 188 14.26 12.53 10.06
CA LEU A 188 14.17 14.27 9.99
CA LEU A 188 14.49 13.96 10.20
C LEU A 188 15.31 14.50 10.97
C LEU A 188 15.67 14.23 11.10
N HIS A 189 15.63 15.78 11.18
N HIS A 189 16.02 15.51 11.23
CA HIS A 189 16.66 16.19 12.13
CA HIS A 189 17.02 15.90 12.22
C HIS A 189 15.98 16.20 13.50
C HIS A 189 16.26 16.09 13.52
N ALA A 190 15.87 15.01 14.09
N ALA A 190 16.02 14.96 14.18
CA ALA A 190 15.05 14.81 15.27
CA ALA A 190 15.22 14.89 15.39
C ALA A 190 15.44 13.47 15.91
C ALA A 190 15.47 13.54 16.03
N PRO A 191 15.01 13.21 17.15
N PRO A 191 15.11 13.37 17.30
CA PRO A 191 15.36 11.92 17.77
CA PRO A 191 15.32 12.06 17.93
C PRO A 191 14.86 10.75 16.94
C PRO A 191 14.64 10.94 17.17
N ALA A 192 15.64 9.67 16.94
N ALA A 192 15.41 9.90 16.88
CA ALA A 192 15.29 8.48 16.19
CA ALA A 192 14.84 8.70 16.29
C ALA A 192 14.45 7.58 17.09
C ALA A 192 13.90 8.06 17.28
N THR A 193 13.13 7.54 16.85
N THR A 193 12.74 7.56 16.81
CA THR A 193 12.22 6.83 17.74
CA THR A 193 11.87 6.81 17.70
C THR A 193 11.89 5.43 17.24
C THR A 193 11.80 5.33 17.36
N VAL A 194 12.46 5.00 16.12
N VAL A 194 12.09 4.94 16.13
CA VAL A 194 12.25 3.62 15.69
CA VAL A 194 12.06 3.55 15.69
C VAL A 194 13.56 2.98 15.26
C VAL A 194 13.49 3.15 15.34
N CYS A 195 14.19 2.22 16.15
N CYS A 195 14.03 2.18 16.06
CA CYS A 195 15.44 1.53 15.87
CA CYS A 195 15.41 1.75 15.89
C CYS A 195 15.22 0.04 15.77
C CYS A 195 15.47 0.24 15.91
N GLY A 196 16.09 -0.62 15.01
N GLY A 196 16.22 -0.34 14.96
CA GLY A 196 16.12 -2.07 14.97
CA GLY A 196 16.42 -1.77 14.90
C GLY A 196 16.89 -2.63 16.14
C GLY A 196 17.23 -2.28 16.07
N PRO A 197 16.70 -3.93 16.41
N PRO A 197 17.08 -3.58 16.39
CA PRO A 197 17.42 -4.59 17.53
CA PRO A 197 17.75 -4.13 17.58
C PRO A 197 18.93 -4.42 17.49
C PRO A 197 19.26 -4.13 17.50
N GLY A 198 19.53 -4.31 16.31
N GLY A 198 19.84 -3.91 16.32
CA GLY A 198 20.97 -4.21 16.19
CA GLY A 198 21.28 -3.91 16.16
C GLY A 198 21.55 -2.82 16.21
C GLY A 198 21.92 -2.56 16.04
N SER A 199 20.74 -1.79 16.49
N SER A 199 21.19 -1.47 16.25
CA SER A 199 21.25 -0.43 16.49
CA SER A 199 21.75 -0.13 16.18
C SER A 199 22.20 -0.20 17.67
C SER A 199 22.41 0.24 17.51
N HIS A 200 23.01 0.88 17.56
N HIS A 200 23.06 1.41 17.56
CA HIS A 200 23.77 1.36 18.71
CA HIS A 200 23.83 1.83 18.73
C HIS A 200 22.86 1.79 19.87
C HIS A 200 22.96 2.25 19.92
N HIS A 201 21.59 2.14 19.57
N HIS A 201 21.69 2.60 19.70
CA HIS A 201 20.62 2.44 20.62
CA HIS A 201 20.82 2.87 20.84
C HIS A 201 20.20 1.21 21.41
C HIS A 201 20.72 1.66 21.75
N HIS A 202 20.36 0.00 20.84
N HIS A 202 20.47 0.48 21.17
CA HIS A 202 19.93 -1.24 21.47
CA HIS A 202 20.25 -0.75 21.91
C HIS A 202 20.98 -2.33 21.47
C HIS A 202 21.48 -1.64 22.02
N HIS A 203 22.20 -2.05 21.05
N HIS A 203 22.50 -1.41 21.19
CA HIS A 203 23.24 -3.07 20.88
CA HIS A 203 23.64 -2.32 21.10
C HIS A 203 24.60 -2.43 20.62
C HIS A 203 24.87 -1.62 20.52
C1 NAG B . 1.38 -12.87 11.99
C2 NAG B . 2.76 -12.49 12.50
C3 NAG B . 3.78 -13.60 12.22
C4 NAG B . 3.25 -14.99 12.56
C5 NAG B . 1.80 -15.21 12.15
C6 NAG B . 1.21 -16.46 12.77
C7 NAG B . 3.93 -10.32 12.51
C8 NAG B . 4.19 -10.57 13.97
N2 NAG B . 3.22 -11.25 11.87
O3 NAG B . 4.96 -13.37 12.97
O4 NAG B . 4.00 -15.89 11.74
O5 NAG B . 0.99 -14.10 12.57
O6 NAG B . -0.16 -16.31 13.11
O7 NAG B . 4.32 -9.30 11.94
C1 NAG B . 4.77 -16.93 12.37
C2 NAG B . 4.56 -17.09 13.87
C3 NAG B . 4.26 -18.56 14.22
C4 NAG B . 5.17 -19.51 13.46
C5 NAG B . 5.16 -19.22 11.95
C6 NAG B . 4.59 -20.34 11.12
C7 NAG B . 5.69 -16.39 15.94
C8 NAG B . 6.98 -15.91 16.54
N2 NAG B . 5.70 -16.61 14.61
O3 NAG B . 2.90 -18.84 13.94
O4 NAG B . 6.50 -19.42 13.94
O5 NAG B . 4.32 -18.08 11.69
O6 NAG B . 3.77 -19.82 10.09
O7 NAG B . 4.67 -16.57 16.62
C1 FUC B . -0.37 -16.33 14.55
C2 FUC B . -1.77 -16.94 14.80
C3 FUC B . -1.84 -17.67 16.15
C4 FUC B . -0.96 -16.97 17.19
C5 FUC B . 0.51 -17.04 16.73
C6 FUC B . 1.37 -15.89 17.26
O2 FUC B . -2.19 -17.79 13.74
O3 FUC B . -3.20 -17.69 16.61
O4 FUC B . -1.35 -15.59 17.38
O5 FUC B . 0.64 -17.07 15.27
C1 NAG C . 1.42 -13.03 12.22
C2 NAG C . 2.78 -12.54 12.68
C3 NAG C . 3.85 -13.61 12.41
C4 NAG C . 3.43 -15.02 12.81
C5 NAG C . 1.97 -15.31 12.46
C6 NAG C . 1.46 -16.59 13.12
C7 NAG C . 3.78 -10.29 12.58
C8 NAG C . 4.06 -10.45 14.04
N2 NAG C . 3.14 -11.31 11.99
O3 NAG C . 5.04 -13.27 13.12
O4 NAG C . 4.19 -15.88 11.97
O5 NAG C . 1.11 -14.24 12.87
O6 NAG C . 0.05 -16.63 13.23
O7 NAG C . 4.09 -9.28 11.97
C1 NAG D . 4.97 -16.95 12.54
C2 NAG D . 4.77 -17.16 14.05
C3 NAG D . 4.52 -18.65 14.35
C4 NAG D . 5.43 -19.55 13.53
C5 NAG D . 5.39 -19.21 12.05
C6 NAG D . 4.83 -20.31 11.17
C7 NAG D . 5.92 -16.54 16.12
C8 NAG D . 7.19 -16.03 16.73
N2 NAG D . 5.91 -16.68 14.80
O3 NAG D . 3.15 -18.97 14.09
O4 NAG D . 6.77 -19.42 13.99
O5 NAG D . 4.53 -18.08 11.84
O6 NAG D . 3.96 -19.78 10.19
O7 NAG D . 4.93 -16.78 16.81
C1 FUC E . -0.32 -16.55 14.63
C2 FUC E . -1.76 -17.11 14.77
C3 FUC E . -1.98 -17.74 16.16
C4 FUC E . -1.17 -16.99 17.24
C5 FUC E . 0.32 -17.13 16.92
C6 FUC E . 1.17 -15.96 17.45
O2 FUC E . -2.08 -18.03 13.74
O3 FUC E . -3.36 -17.70 16.51
O4 FUC E . -1.54 -15.60 17.29
O5 FUC E . 0.59 -17.26 15.49
C1 GOL F . 0.15 -14.04 4.89
O1 GOL F . 1.07 -15.11 5.13
C2 GOL F . 0.08 -13.09 6.07
O2 GOL F . -0.75 -13.65 7.09
C3 GOL F . 1.43 -12.72 6.63
O3 GOL F . 1.35 -11.60 7.50
C1 GOL G . -12.92 -2.64 1.33
O1 GOL G . -13.41 -1.28 1.22
C2 GOL G . -12.99 -3.09 2.81
O2 GOL G . -12.29 -2.26 3.65
C3 GOL G . -12.50 -4.57 2.84
O3 GOL G . -13.36 -5.31 1.98
C1 GOL H . -2.04 10.68 5.11
O1 GOL H . -2.79 9.51 5.39
C2 GOL H . -2.37 11.23 3.73
O2 GOL H . -3.56 12.01 3.79
C3 GOL H . -1.25 12.02 3.11
O3 GOL H . 0.02 11.61 3.61
C1 GOL I . 12.39 4.49 21.69
O1 GOL I . 11.88 5.82 21.60
C2 GOL I . 13.12 4.11 20.42
O2 GOL I . 14.26 4.93 20.22
C3 GOL I . 13.51 2.65 20.37
O3 GOL I . 14.10 2.29 19.13
C1 GOL J . 7.75 -21.61 17.47
O1 GOL J . 6.83 -20.62 17.95
C2 GOL J . 7.51 -21.91 16.00
O2 GOL J . 8.72 -21.75 15.27
C3 GOL J . 6.92 -23.28 15.77
O3 GOL J . 6.90 -23.62 14.39
#